data_7HSF
#
_entry.id   7HSF
#
_cell.length_a   99.250
_cell.length_b   99.290
_cell.length_c   128.720
_cell.angle_alpha   90.00
_cell.angle_beta   90.00
_cell.angle_gamma   90.00
#
_symmetry.space_group_name_H-M   'I 2 2 2'
#
loop_
_entity.id
_entity.type
_entity.pdbx_description
1 polymer 'Oleoyl-acyl carrier protein thioesterase 1, chloroplastic'
2 non-polymer 6-methoxy-1,3,4,5-tetrahydro-2H-1-benzazepin-2-one
3 non-polymer 'SULFATE ION'
4 water water
#
_entity_poly.entity_id   1
_entity_poly.type   'polypeptide(L)'
_entity_poly.pdbx_seq_one_letter_code
;MGSLTEDGLSYKEKFVVRSYEVGSNKTATVETIANLLQEVGCNHAQSVGFSTDGFATTTTMRKLHLIWVTARMHIEIYKY
PAWGDVVEIETWCQSEGRIGTRRDWILKDSVTGEVTGRATSKWVMMNQDTRRLQKVSDDVRDEYLVFCPQEPRLAFPEEN
NRSLKKIPKLEDPAQYSMIGLKPRRADLDMNQHVNNVTYIGWVLESIPQEIVDTHELQVITLDYRRECQQDDVVDSLTTT
TSEIGGTNGSATSGTQGHNDSQFLHLLRLSGDGQEINRGTTLWRKKPSSHHHHHH
;
_entity_poly.pdbx_strand_id   A,B
#
loop_
_chem_comp.id
_chem_comp.type
_chem_comp.name
_chem_comp.formula
SO4 non-polymer 'SULFATE ION' 'O4 S -2'
UV1 non-polymer 6-methoxy-1,3,4,5-tetrahydro-2H-1-benzazepin-2-one 'C11 H13 N O2'
#
# COMPACT_ATOMS: atom_id res chain seq x y z
N GLY A 2 -14.09 14.20 -2.61
CA GLY A 2 -15.34 13.56 -3.00
C GLY A 2 -16.57 14.17 -2.36
N SER A 3 -17.76 13.75 -2.81
CA SER A 3 -18.99 14.28 -2.25
C SER A 3 -20.21 13.38 -2.51
N LEU A 4 -21.26 13.52 -1.67
CA LEU A 4 -22.52 12.81 -1.90
C LEU A 4 -23.21 13.40 -3.15
N THR A 5 -23.96 12.57 -3.86
CA THR A 5 -24.67 13.02 -5.06
C THR A 5 -25.79 14.03 -4.71
N GLU A 6 -26.50 14.57 -5.71
CA GLU A 6 -27.55 15.57 -5.44
C GLU A 6 -28.62 15.06 -4.46
N ASP A 7 -29.00 13.78 -4.57
CA ASP A 7 -30.03 13.22 -3.72
C ASP A 7 -29.56 12.77 -2.30
N GLY A 8 -28.25 12.69 -2.05
CA GLY A 8 -27.71 12.23 -0.78
C GLY A 8 -27.80 10.72 -0.59
N LEU A 9 -28.05 9.96 -1.68
CA LEU A 9 -28.22 8.51 -1.62
C LEU A 9 -27.04 7.68 -2.21
N SER A 10 -25.95 8.35 -2.56
CA SER A 10 -24.71 7.74 -3.05
C SER A 10 -23.56 8.76 -2.91
N TYR A 11 -22.30 8.29 -3.04
CA TYR A 11 -21.11 9.13 -2.89
C TYR A 11 -20.19 8.95 -4.09
N LYS A 12 -19.57 10.04 -4.58
CA LYS A 12 -18.64 10.01 -5.72
C LYS A 12 -17.29 10.57 -5.33
N GLU A 13 -16.21 10.01 -5.88
CA GLU A 13 -14.85 10.47 -5.59
C GLU A 13 -13.93 10.12 -6.76
N LYS A 14 -13.07 11.06 -7.13
CA LYS A 14 -12.09 10.85 -8.20
C LYS A 14 -10.72 10.58 -7.59
N PHE A 15 -9.96 9.65 -8.20
CA PHE A 15 -8.63 9.29 -7.72
C PHE A 15 -7.64 9.34 -8.87
N VAL A 16 -6.42 9.88 -8.64
CA VAL A 16 -5.41 9.89 -9.71
C VAL A 16 -4.48 8.71 -9.42
N VAL A 17 -4.29 7.81 -10.39
CA VAL A 17 -3.45 6.61 -10.17
C VAL A 17 -1.97 6.96 -9.94
N ARG A 18 -1.39 6.48 -8.80
CA ARG A 18 0.00 6.71 -8.36
C ARG A 18 1.04 5.70 -8.91
N SER A 19 2.29 6.13 -9.02
CA SER A 19 3.41 5.35 -9.54
C SER A 19 3.60 4.04 -8.83
N TYR A 20 3.48 4.04 -7.49
CA TYR A 20 3.64 2.82 -6.69
C TYR A 20 2.37 1.92 -6.66
N GLU A 21 1.25 2.42 -7.19
CA GLU A 21 -0.01 1.70 -7.24
C GLU A 21 -0.15 0.77 -8.48
N VAL A 22 0.81 0.82 -9.44
CA VAL A 22 0.70 0.09 -10.71
C VAL A 22 1.58 -1.15 -10.80
N GLY A 23 1.20 -2.07 -11.69
CA GLY A 23 1.94 -3.32 -11.90
C GLY A 23 2.85 -3.28 -13.12
N SER A 24 3.25 -4.46 -13.62
N SER A 24 3.25 -4.46 -13.62
N SER A 24 3.25 -4.46 -13.62
CA SER A 24 4.12 -4.62 -14.78
CA SER A 24 4.13 -4.59 -14.78
CA SER A 24 4.12 -4.62 -14.78
C SER A 24 3.54 -4.01 -16.05
C SER A 24 3.53 -4.00 -16.06
C SER A 24 3.54 -4.01 -16.05
N ASN A 25 2.20 -3.98 -16.16
CA ASN A 25 1.49 -3.41 -17.33
C ASN A 25 1.39 -1.88 -17.29
N LYS A 26 1.84 -1.22 -16.18
CA LYS A 26 1.73 0.23 -15.99
C LYS A 26 0.26 0.67 -15.72
N THR A 27 -0.56 -0.25 -15.19
CA THR A 27 -1.96 -0.02 -14.82
C THR A 27 -2.16 -0.44 -13.34
N ALA A 28 -3.14 0.19 -12.65
CA ALA A 28 -3.43 -0.11 -11.25
C ALA A 28 -3.66 -1.61 -11.00
N THR A 29 -3.08 -2.14 -9.92
CA THR A 29 -3.31 -3.53 -9.55
C THR A 29 -4.72 -3.70 -8.96
N VAL A 30 -5.18 -4.95 -8.83
CA VAL A 30 -6.49 -5.23 -8.23
C VAL A 30 -6.52 -4.85 -6.75
N GLU A 31 -5.36 -4.91 -6.08
CA GLU A 31 -5.22 -4.52 -4.69
C GLU A 31 -5.32 -3.03 -4.57
N THR A 32 -4.78 -2.26 -5.54
CA THR A 32 -4.96 -0.81 -5.54
C THR A 32 -6.45 -0.48 -5.72
N ILE A 33 -7.12 -1.16 -6.68
CA ILE A 33 -8.55 -0.97 -6.89
C ILE A 33 -9.36 -1.23 -5.62
N ALA A 34 -9.09 -2.36 -4.95
CA ALA A 34 -9.72 -2.76 -3.70
C ALA A 34 -9.50 -1.74 -2.58
N ASN A 35 -8.30 -1.13 -2.53
CA ASN A 35 -7.99 -0.09 -1.55
C ASN A 35 -8.85 1.14 -1.84
N LEU A 36 -9.02 1.48 -3.13
CA LEU A 36 -9.84 2.61 -3.55
C LEU A 36 -11.32 2.42 -3.25
N LEU A 37 -11.86 1.21 -3.38
CA LEU A 37 -13.26 0.90 -3.04
C LEU A 37 -13.50 1.14 -1.54
N GLN A 38 -12.53 0.74 -0.72
CA GLN A 38 -12.54 0.89 0.72
C GLN A 38 -12.47 2.36 1.10
N GLU A 39 -11.58 3.15 0.46
CA GLU A 39 -11.45 4.57 0.72
C GLU A 39 -12.75 5.32 0.37
N VAL A 40 -13.35 5.05 -0.81
CA VAL A 40 -14.58 5.71 -1.18
C VAL A 40 -15.76 5.26 -0.26
N GLY A 41 -15.78 3.98 0.15
CA GLY A 41 -16.82 3.49 1.06
C GLY A 41 -16.73 4.13 2.44
N CYS A 42 -15.52 4.31 2.90
CA CYS A 42 -15.21 4.93 4.17
C CYS A 42 -15.55 6.43 4.18
N ASN A 43 -15.24 7.14 3.10
CA ASN A 43 -15.55 8.56 2.97
C ASN A 43 -17.07 8.80 2.87
N HIS A 44 -17.82 7.83 2.30
CA HIS A 44 -19.27 7.90 2.24
C HIS A 44 -19.84 7.73 3.67
N ALA A 45 -19.28 6.81 4.46
CA ALA A 45 -19.68 6.55 5.86
C ALA A 45 -19.51 7.80 6.73
N GLN A 46 -18.42 8.55 6.52
CA GLN A 46 -18.13 9.77 7.25
C GLN A 46 -19.07 10.90 6.84
N SER A 47 -19.34 11.02 5.54
N SER A 47 -19.33 11.04 5.54
N SER A 47 -19.34 11.02 5.54
CA SER A 47 -20.21 12.05 4.97
CA SER A 47 -20.20 12.08 5.01
CA SER A 47 -20.21 12.05 4.97
C SER A 47 -21.65 12.00 5.46
C SER A 47 -21.63 12.03 5.53
C SER A 47 -21.65 12.00 5.46
N VAL A 48 -22.07 10.88 6.06
CA VAL A 48 -23.44 10.74 6.56
C VAL A 48 -23.51 10.53 8.11
N GLY A 49 -22.41 10.77 8.81
CA GLY A 49 -22.36 10.71 10.27
C GLY A 49 -21.97 9.41 10.96
N PHE A 50 -21.44 8.42 10.21
CA PHE A 50 -21.03 7.14 10.79
C PHE A 50 -19.57 7.13 11.26
N SER A 51 -19.18 6.07 12.02
CA SER A 51 -17.81 5.89 12.49
C SER A 51 -16.88 5.56 11.32
N ALA A 56 -18.45 1.38 9.88
CA ALA A 56 -19.63 2.24 9.85
C ALA A 56 -20.68 1.75 10.83
N THR A 57 -20.55 2.13 12.09
CA THR A 57 -21.51 1.76 13.11
C THR A 57 -22.51 2.88 13.36
N THR A 58 -23.74 2.50 13.73
CA THR A 58 -24.78 3.44 14.14
C THR A 58 -24.71 3.56 15.68
N THR A 59 -25.45 4.53 16.25
CA THR A 59 -25.58 4.77 17.69
C THR A 59 -25.99 3.50 18.43
N THR A 60 -26.97 2.76 17.88
CA THR A 60 -27.48 1.52 18.51
C THR A 60 -26.42 0.39 18.41
N MET A 61 -25.66 0.34 17.32
N MET A 61 -25.66 0.34 17.32
N MET A 61 -25.66 0.34 17.32
CA MET A 61 -24.63 -0.66 17.12
CA MET A 61 -24.64 -0.67 17.13
CA MET A 61 -24.63 -0.66 17.12
C MET A 61 -23.49 -0.49 18.11
C MET A 61 -23.49 -0.49 18.12
C MET A 61 -23.49 -0.49 18.11
N ARG A 62 -23.12 0.75 18.42
CA ARG A 62 -22.05 1.02 19.38
C ARG A 62 -22.55 0.67 20.80
N LYS A 63 -23.84 0.97 21.10
CA LYS A 63 -24.53 0.64 22.35
C LYS A 63 -24.59 -0.89 22.58
N LEU A 64 -24.55 -1.69 21.51
CA LEU A 64 -24.61 -3.14 21.61
C LEU A 64 -23.31 -3.87 21.28
N HIS A 65 -22.21 -3.14 21.02
CA HIS A 65 -20.92 -3.73 20.63
C HIS A 65 -21.00 -4.53 19.33
N LEU A 66 -21.87 -4.09 18.42
CA LEU A 66 -22.08 -4.70 17.11
C LEU A 66 -21.26 -3.96 16.06
N ILE A 67 -20.73 -4.72 15.06
CA ILE A 67 -19.91 -4.23 13.95
C ILE A 67 -20.33 -4.88 12.60
N TRP A 68 -19.99 -4.22 11.49
CA TRP A 68 -20.27 -4.76 10.16
C TRP A 68 -19.02 -5.48 9.71
N VAL A 69 -19.17 -6.70 9.23
CA VAL A 69 -18.06 -7.49 8.72
C VAL A 69 -18.35 -7.99 7.29
N THR A 70 -17.33 -8.07 6.42
CA THR A 70 -17.55 -8.56 5.04
C THR A 70 -17.80 -10.08 5.02
N ALA A 71 -18.78 -10.53 4.25
CA ALA A 71 -19.03 -11.96 4.08
C ALA A 71 -18.64 -12.37 2.65
N ARG A 72 -18.96 -11.52 1.66
CA ARG A 72 -18.60 -11.72 0.26
C ARG A 72 -18.13 -10.40 -0.38
N MET A 73 -17.12 -10.48 -1.25
CA MET A 73 -16.63 -9.34 -2.04
C MET A 73 -16.52 -9.84 -3.50
N HIS A 74 -17.05 -9.10 -4.45
CA HIS A 74 -17.03 -9.48 -5.86
C HIS A 74 -16.59 -8.27 -6.68
N ILE A 75 -15.48 -8.40 -7.44
CA ILE A 75 -14.99 -7.30 -8.26
C ILE A 75 -14.86 -7.75 -9.72
N GLU A 76 -15.31 -6.89 -10.63
CA GLU A 76 -15.19 -7.19 -12.04
C GLU A 76 -14.61 -5.97 -12.75
N ILE A 77 -13.37 -6.10 -13.26
CA ILE A 77 -12.69 -5.00 -13.95
C ILE A 77 -12.56 -5.21 -15.45
N TYR A 78 -13.14 -4.31 -16.27
CA TYR A 78 -13.05 -4.37 -17.73
C TYR A 78 -11.76 -3.72 -18.22
N LYS A 79 -11.37 -2.60 -17.58
CA LYS A 79 -10.19 -1.87 -17.98
C LYS A 79 -9.54 -1.30 -16.71
N TYR A 80 -8.25 -1.58 -16.51
CA TYR A 80 -7.54 -1.08 -15.33
C TYR A 80 -7.02 0.31 -15.66
N PRO A 81 -7.23 1.33 -14.81
CA PRO A 81 -6.75 2.68 -15.16
C PRO A 81 -5.22 2.73 -15.22
N ALA A 82 -4.67 3.50 -16.16
CA ALA A 82 -3.23 3.64 -16.27
C ALA A 82 -2.68 4.61 -15.25
N TRP A 83 -1.39 4.46 -14.92
CA TRP A 83 -0.65 5.33 -14.02
C TRP A 83 -0.74 6.78 -14.48
N GLY A 84 -1.51 7.57 -13.76
CA GLY A 84 -1.71 8.98 -14.10
C GLY A 84 -3.14 9.33 -14.45
N ASP A 85 -3.95 8.33 -14.81
CA ASP A 85 -5.35 8.54 -15.17
C ASP A 85 -6.21 8.86 -13.95
N VAL A 86 -7.38 9.46 -14.20
CA VAL A 86 -8.32 9.76 -13.13
C VAL A 86 -9.44 8.71 -13.19
N VAL A 87 -9.65 7.98 -12.10
CA VAL A 87 -10.74 7.01 -12.04
C VAL A 87 -11.83 7.61 -11.13
N GLU A 88 -13.09 7.64 -11.59
CA GLU A 88 -14.18 8.14 -10.74
C GLU A 88 -14.98 6.97 -10.20
N ILE A 89 -15.19 6.91 -8.88
CA ILE A 89 -15.96 5.82 -8.27
C ILE A 89 -17.24 6.27 -7.58
N GLU A 90 -18.38 5.66 -7.95
CA GLU A 90 -19.63 5.94 -7.26
C GLU A 90 -19.99 4.75 -6.37
N THR A 91 -20.34 5.00 -5.10
CA THR A 91 -20.71 3.95 -4.15
C THR A 91 -21.98 4.24 -3.35
N TRP A 92 -22.69 3.18 -2.97
CA TRP A 92 -23.93 3.30 -2.19
C TRP A 92 -24.21 2.01 -1.40
N CYS A 93 -25.01 2.12 -0.35
N CYS A 93 -24.99 2.12 -0.34
N CYS A 93 -25.01 2.12 -0.35
CA CYS A 93 -25.39 0.99 0.49
CA CYS A 93 -25.39 0.97 0.48
CA CYS A 93 -25.39 0.99 0.49
C CYS A 93 -26.87 0.65 0.31
C CYS A 93 -26.86 0.63 0.29
C CYS A 93 -26.87 0.65 0.31
N GLN A 94 -27.24 -0.60 0.59
CA GLN A 94 -28.63 -1.03 0.50
C GLN A 94 -28.90 -2.07 1.61
N SER A 95 -30.09 -2.02 2.20
CA SER A 95 -30.47 -2.97 3.23
C SER A 95 -30.99 -4.24 2.56
N GLU A 96 -30.69 -5.41 3.12
CA GLU A 96 -31.17 -6.68 2.56
C GLU A 96 -32.04 -7.36 3.61
N GLY A 97 -32.98 -6.62 4.14
CA GLY A 97 -33.87 -7.13 5.18
C GLY A 97 -33.09 -7.42 6.44
N ARG A 98 -33.38 -8.54 7.08
CA ARG A 98 -32.68 -8.93 8.29
C ARG A 98 -31.37 -9.71 8.02
N ILE A 99 -31.02 -9.95 6.74
CA ILE A 99 -29.78 -10.63 6.39
C ILE A 99 -28.52 -9.77 6.66
N GLY A 100 -28.52 -8.54 6.15
CA GLY A 100 -27.41 -7.62 6.33
C GLY A 100 -27.46 -6.47 5.35
N THR A 101 -26.33 -5.80 5.15
CA THR A 101 -26.24 -4.71 4.18
C THR A 101 -25.46 -5.17 2.96
N ARG A 102 -25.59 -4.42 1.87
CA ARG A 102 -24.88 -4.61 0.63
C ARG A 102 -24.23 -3.27 0.28
N ARG A 103 -22.98 -3.29 -0.17
CA ARG A 103 -22.35 -2.05 -0.64
C ARG A 103 -21.92 -2.29 -2.08
N ASP A 104 -22.29 -1.38 -2.98
CA ASP A 104 -21.96 -1.49 -4.39
C ASP A 104 -21.10 -0.33 -4.87
N TRP A 105 -20.31 -0.57 -5.91
CA TRP A 105 -19.44 0.44 -6.50
C TRP A 105 -19.47 0.37 -8.02
N ILE A 106 -19.31 1.53 -8.68
CA ILE A 106 -19.18 1.65 -10.14
C ILE A 106 -17.93 2.47 -10.41
N LEU A 107 -17.02 1.97 -11.26
CA LEU A 107 -15.80 2.68 -11.58
C LEU A 107 -15.92 3.20 -12.99
N LYS A 108 -15.59 4.47 -13.22
CA LYS A 108 -15.64 5.07 -14.55
C LYS A 108 -14.35 5.77 -14.92
N ASP A 109 -14.05 5.85 -16.22
CA ASP A 109 -12.90 6.61 -16.70
C ASP A 109 -13.40 8.07 -16.65
N SER A 110 -12.68 8.95 -15.95
CA SER A 110 -13.12 10.34 -15.77
C SER A 110 -13.18 11.14 -17.06
N VAL A 111 -12.42 10.75 -18.10
CA VAL A 111 -12.39 11.49 -19.35
C VAL A 111 -13.48 11.03 -20.33
N THR A 112 -13.68 9.71 -20.48
CA THR A 112 -14.69 9.19 -21.41
C THR A 112 -16.08 8.96 -20.76
N GLY A 113 -16.10 8.75 -19.46
CA GLY A 113 -17.33 8.44 -18.75
C GLY A 113 -17.76 6.99 -18.86
N GLU A 114 -16.95 6.15 -19.55
CA GLU A 114 -17.24 4.73 -19.71
C GLU A 114 -17.03 4.00 -18.39
N VAL A 115 -17.83 2.97 -18.15
CA VAL A 115 -17.71 2.16 -16.94
C VAL A 115 -16.55 1.21 -17.14
N THR A 116 -15.53 1.28 -16.31
CA THR A 116 -14.36 0.41 -16.44
C THR A 116 -14.30 -0.73 -15.43
N GLY A 117 -15.20 -0.72 -14.45
CA GLY A 117 -15.26 -1.74 -13.41
C GLY A 117 -16.49 -1.62 -12.54
N ARG A 118 -16.74 -2.64 -11.71
CA ARG A 118 -17.84 -2.67 -10.79
C ARG A 118 -17.62 -3.70 -9.73
N ALA A 119 -18.07 -3.37 -8.52
CA ALA A 119 -17.90 -4.25 -7.41
C ALA A 119 -19.19 -4.34 -6.58
N THR A 120 -19.32 -5.43 -5.85
CA THR A 120 -20.44 -5.65 -4.95
C THR A 120 -19.92 -6.36 -3.71
N SER A 121 -20.42 -5.99 -2.52
CA SER A 121 -19.99 -6.64 -1.30
C SER A 121 -21.18 -6.87 -0.36
N LYS A 122 -21.24 -8.04 0.28
CA LYS A 122 -22.27 -8.38 1.25
C LYS A 122 -21.69 -8.28 2.66
N TRP A 123 -22.38 -7.58 3.58
CA TRP A 123 -21.90 -7.36 4.94
C TRP A 123 -22.87 -7.94 5.97
N VAL A 124 -22.35 -8.45 7.08
CA VAL A 124 -23.18 -9.08 8.12
C VAL A 124 -22.94 -8.47 9.52
N MET A 125 -23.97 -8.47 10.37
CA MET A 125 -23.83 -7.92 11.71
C MET A 125 -23.18 -8.94 12.63
N MET A 126 -22.31 -8.49 13.53
CA MET A 126 -21.59 -9.38 14.42
C MET A 126 -21.23 -8.68 15.71
N ASN A 127 -21.27 -9.41 16.84
CA ASN A 127 -20.84 -8.85 18.13
C ASN A 127 -19.30 -8.79 18.03
N GLN A 128 -18.69 -7.67 18.40
CA GLN A 128 -17.24 -7.52 18.30
C GLN A 128 -16.49 -8.43 19.27
N ASP A 129 -17.08 -8.68 20.44
CA ASP A 129 -16.47 -9.49 21.48
C ASP A 129 -16.60 -10.98 21.21
N THR A 130 -17.84 -11.50 21.12
CA THR A 130 -18.06 -12.92 20.94
C THR A 130 -17.87 -13.43 19.53
N ARG A 131 -17.86 -12.52 18.53
CA ARG A 131 -17.78 -12.88 17.13
C ARG A 131 -19.05 -13.61 16.63
N ARG A 132 -20.15 -13.58 17.42
CA ARG A 132 -21.39 -14.23 17.02
C ARG A 132 -22.19 -13.38 16.09
N LEU A 133 -22.59 -13.96 14.97
CA LEU A 133 -23.39 -13.24 13.98
C LEU A 133 -24.83 -13.04 14.44
N GLN A 134 -25.51 -12.04 13.89
CA GLN A 134 -26.92 -11.83 14.19
C GLN A 134 -27.64 -11.16 13.07
N LYS A 135 -28.93 -11.48 12.94
CA LYS A 135 -29.79 -10.86 11.96
C LYS A 135 -30.00 -9.39 12.36
N VAL A 136 -30.13 -8.50 11.38
CA VAL A 136 -30.30 -7.08 11.65
C VAL A 136 -31.64 -6.77 12.33
N SER A 137 -31.62 -5.97 13.40
CA SER A 137 -32.85 -5.58 14.09
C SER A 137 -33.54 -4.39 13.38
N ASP A 138 -34.81 -4.16 13.67
CA ASP A 138 -35.58 -3.05 13.08
C ASP A 138 -35.04 -1.67 13.45
N ASP A 139 -34.55 -1.50 14.68
CA ASP A 139 -33.98 -0.22 15.10
C ASP A 139 -32.77 0.13 14.27
N VAL A 140 -31.92 -0.87 13.96
CA VAL A 140 -30.72 -0.64 13.17
C VAL A 140 -31.08 -0.41 11.70
N ARG A 141 -32.07 -1.15 11.19
CA ARG A 141 -32.54 -1.01 9.81
C ARG A 141 -33.07 0.40 9.55
N ASP A 142 -33.72 1.02 10.55
CA ASP A 142 -34.26 2.37 10.43
C ASP A 142 -33.20 3.44 10.34
N GLU A 143 -32.13 3.31 11.12
CA GLU A 143 -31.04 4.27 11.09
C GLU A 143 -30.26 4.21 9.76
N TYR A 144 -30.20 3.03 9.13
CA TYR A 144 -29.49 2.84 7.88
C TYR A 144 -30.26 3.28 6.64
N LEU A 145 -31.53 2.84 6.51
CA LEU A 145 -32.39 3.08 5.37
C LEU A 145 -32.51 4.52 4.91
N VAL A 146 -32.33 5.48 5.83
CA VAL A 146 -32.41 6.90 5.46
C VAL A 146 -31.24 7.32 4.54
N PHE A 147 -30.14 6.59 4.54
CA PHE A 147 -28.99 6.91 3.67
C PHE A 147 -28.91 5.98 2.44
N CYS A 148 -29.95 5.20 2.16
CA CYS A 148 -29.99 4.21 1.09
C CYS A 148 -31.08 4.53 0.08
N PRO A 149 -30.91 4.13 -1.19
CA PRO A 149 -32.01 4.30 -2.15
C PRO A 149 -33.18 3.40 -1.74
N GLN A 150 -34.40 3.86 -1.96
CA GLN A 150 -35.58 3.11 -1.60
C GLN A 150 -35.85 2.00 -2.63
N GLU A 151 -35.77 2.34 -3.92
CA GLU A 151 -35.91 1.33 -4.98
C GLU A 151 -34.57 0.59 -5.11
N PRO A 152 -34.55 -0.67 -5.60
CA PRO A 152 -33.26 -1.40 -5.69
C PRO A 152 -32.32 -0.79 -6.74
N ARG A 153 -31.03 -0.71 -6.39
CA ARG A 153 -30.01 -0.14 -7.24
C ARG A 153 -28.79 -1.07 -7.17
N LEU A 154 -28.64 -1.93 -8.18
CA LEU A 154 -27.58 -2.93 -8.19
C LEU A 154 -26.49 -2.69 -9.19
N ALA A 155 -25.23 -2.82 -8.76
CA ALA A 155 -24.11 -2.76 -9.71
C ALA A 155 -24.16 -3.98 -10.64
N PHE A 156 -24.65 -5.12 -10.14
CA PHE A 156 -24.81 -6.36 -10.89
C PHE A 156 -26.30 -6.75 -10.93
N PRO A 157 -27.07 -6.19 -11.88
CA PRO A 157 -28.51 -6.50 -11.89
C PRO A 157 -28.92 -7.74 -12.69
N GLU A 158 -28.16 -8.14 -13.72
CA GLU A 158 -28.46 -9.28 -14.60
C GLU A 158 -29.16 -10.48 -13.94
N GLU A 159 -30.09 -11.13 -14.68
CA GLU A 159 -30.89 -12.27 -14.21
C GLU A 159 -30.04 -13.46 -13.79
N ASN A 160 -28.88 -13.62 -14.41
CA ASN A 160 -27.95 -14.68 -14.04
C ASN A 160 -26.60 -14.01 -13.94
N ASN A 161 -26.10 -13.78 -12.71
CA ASN A 161 -24.83 -13.09 -12.55
C ASN A 161 -23.87 -13.80 -11.59
N ARG A 162 -22.59 -13.80 -11.96
CA ARG A 162 -21.46 -14.44 -11.27
C ARG A 162 -21.23 -13.94 -9.83
N SER A 163 -21.83 -12.80 -9.44
CA SER A 163 -21.66 -12.26 -8.09
C SER A 163 -22.41 -13.04 -7.02
N LEU A 164 -23.38 -13.88 -7.41
CA LEU A 164 -24.22 -14.68 -6.50
C LEU A 164 -24.02 -16.21 -6.73
N LYS A 165 -22.90 -16.62 -7.34
CA LYS A 165 -22.64 -18.03 -7.58
C LYS A 165 -22.08 -18.69 -6.31
N LYS A 166 -22.45 -19.95 -6.07
CA LYS A 166 -21.95 -20.67 -4.90
C LYS A 166 -20.50 -21.11 -5.18
N ILE A 167 -19.59 -20.94 -4.21
CA ILE A 167 -18.20 -21.34 -4.39
C ILE A 167 -17.89 -22.66 -3.63
N PRO A 168 -17.40 -23.69 -4.34
CA PRO A 168 -17.06 -24.95 -3.66
C PRO A 168 -15.71 -24.93 -2.95
N LYS A 169 -15.48 -25.94 -2.11
CA LYS A 169 -14.22 -26.07 -1.40
C LYS A 169 -13.20 -26.83 -2.24
N LEU A 170 -11.99 -26.30 -2.33
CA LEU A 170 -10.89 -26.88 -3.05
C LEU A 170 -10.50 -28.19 -2.38
N GLU A 171 -10.39 -29.25 -3.17
CA GLU A 171 -10.03 -30.56 -2.66
C GLU A 171 -8.53 -30.77 -2.77
N ASP A 172 -7.91 -31.40 -1.77
CA ASP A 172 -6.49 -31.73 -1.81
C ASP A 172 -6.26 -32.92 -2.75
N PRO A 173 -5.16 -32.95 -3.54
CA PRO A 173 -4.12 -31.93 -3.63
C PRO A 173 -4.44 -30.75 -4.56
N ALA A 174 -4.01 -29.54 -4.17
CA ALA A 174 -4.15 -28.32 -4.97
C ALA A 174 -3.16 -28.39 -6.14
N GLN A 175 -3.47 -27.74 -7.26
CA GLN A 175 -2.55 -27.76 -8.41
C GLN A 175 -1.34 -26.86 -8.11
N TYR A 176 -1.59 -25.71 -7.52
CA TYR A 176 -0.58 -24.74 -7.16
C TYR A 176 -0.77 -24.28 -5.69
N SER A 177 0.33 -23.85 -5.05
CA SER A 177 0.26 -23.36 -3.68
C SER A 177 1.37 -22.37 -3.36
N MET A 178 1.10 -21.51 -2.39
CA MET A 178 2.07 -20.59 -1.81
C MET A 178 1.93 -20.79 -0.29
N ILE A 179 2.97 -21.30 0.35
CA ILE A 179 2.99 -21.73 1.74
C ILE A 179 3.68 -20.73 2.69
N GLY A 180 3.24 -20.67 3.95
CA GLY A 180 3.85 -19.85 4.99
C GLY A 180 3.69 -18.34 4.95
N LEU A 181 2.59 -17.83 4.39
CA LEU A 181 2.34 -16.38 4.30
C LEU A 181 1.93 -15.80 5.65
N LYS A 182 2.67 -14.79 6.14
CA LYS A 182 2.36 -14.17 7.43
C LYS A 182 2.08 -12.70 7.22
N PRO A 183 1.07 -12.15 7.90
CA PRO A 183 0.81 -10.71 7.78
C PRO A 183 1.84 -9.85 8.52
N ARG A 184 2.32 -8.78 7.89
CA ARG A 184 3.23 -7.86 8.54
C ARG A 184 2.43 -6.64 9.08
N ARG A 185 3.07 -5.66 9.72
CA ARG A 185 2.36 -4.52 10.29
C ARG A 185 1.61 -3.68 9.28
N ALA A 186 2.13 -3.57 8.03
CA ALA A 186 1.44 -2.84 6.96
C ALA A 186 0.19 -3.58 6.43
N ASP A 187 -0.01 -4.86 6.80
CA ASP A 187 -1.22 -5.59 6.44
C ASP A 187 -2.37 -5.35 7.46
N LEU A 188 -2.10 -4.66 8.57
CA LEU A 188 -3.07 -4.37 9.62
C LEU A 188 -3.72 -3.01 9.41
N ASP A 189 -5.00 -2.89 9.79
CA ASP A 189 -5.70 -1.61 9.70
C ASP A 189 -5.46 -0.78 10.99
N MET A 190 -6.17 0.34 11.15
CA MET A 190 -6.07 1.19 12.34
C MET A 190 -6.56 0.49 13.63
N ASN A 191 -7.26 -0.65 13.52
CA ASN A 191 -7.73 -1.42 14.68
C ASN A 191 -6.95 -2.73 14.93
N GLN A 192 -5.80 -2.88 14.25
CA GLN A 192 -4.83 -3.97 14.28
C GLN A 192 -5.37 -5.29 13.68
N HIS A 193 -6.43 -5.21 12.88
CA HIS A 193 -7.00 -6.36 12.20
C HIS A 193 -6.41 -6.48 10.79
N VAL A 194 -6.23 -7.70 10.27
CA VAL A 194 -5.68 -7.89 8.92
C VAL A 194 -6.69 -7.31 7.91
N ASN A 195 -6.19 -6.50 6.96
CA ASN A 195 -6.98 -5.81 5.96
C ASN A 195 -7.51 -6.79 4.94
N ASN A 196 -8.72 -6.56 4.44
CA ASN A 196 -9.33 -7.43 3.44
C ASN A 196 -8.61 -7.43 2.11
N VAL A 197 -7.79 -6.39 1.82
CA VAL A 197 -7.01 -6.33 0.59
C VAL A 197 -5.86 -7.37 0.61
N THR A 198 -5.30 -7.66 1.81
CA THR A 198 -4.25 -8.65 2.04
C THR A 198 -4.70 -10.04 1.60
N TYR A 199 -5.98 -10.38 1.89
CA TYR A 199 -6.52 -11.68 1.50
C TYR A 199 -6.55 -11.81 -0.01
N ILE A 200 -6.88 -10.73 -0.73
CA ILE A 200 -6.90 -10.71 -2.19
C ILE A 200 -5.48 -10.99 -2.70
N GLY A 201 -4.48 -10.32 -2.11
CA GLY A 201 -3.10 -10.51 -2.53
C GLY A 201 -2.62 -11.91 -2.23
N TRP A 202 -3.03 -12.44 -1.06
CA TRP A 202 -2.70 -13.79 -0.62
C TRP A 202 -3.31 -14.84 -1.52
N VAL A 203 -4.58 -14.65 -1.95
CA VAL A 203 -5.23 -15.55 -2.92
C VAL A 203 -4.42 -15.58 -4.23
N LEU A 204 -4.03 -14.40 -4.73
CA LEU A 204 -3.29 -14.30 -5.98
C LEU A 204 -1.85 -14.77 -5.93
N GLU A 205 -1.27 -15.03 -4.75
CA GLU A 205 0.09 -15.51 -4.63
C GLU A 205 0.31 -16.92 -5.18
N SER A 206 -0.75 -17.74 -5.20
CA SER A 206 -0.63 -19.12 -5.68
C SER A 206 -0.89 -19.28 -7.17
N ILE A 207 -1.35 -18.22 -7.86
CA ILE A 207 -1.52 -18.20 -9.33
C ILE A 207 -0.12 -18.18 -9.93
N PRO A 208 0.19 -19.05 -10.92
CA PRO A 208 1.54 -19.05 -11.49
C PRO A 208 1.91 -17.74 -12.18
N GLN A 209 3.20 -17.37 -12.09
CA GLN A 209 3.67 -16.11 -12.65
C GLN A 209 3.44 -16.04 -14.17
N GLU A 210 3.46 -17.19 -14.88
CA GLU A 210 3.22 -17.20 -16.32
C GLU A 210 1.78 -16.84 -16.66
N ILE A 211 0.82 -17.25 -15.81
CA ILE A 211 -0.58 -16.87 -15.99
C ILE A 211 -0.70 -15.35 -15.81
N VAL A 212 -0.10 -14.80 -14.76
CA VAL A 212 -0.12 -13.38 -14.45
C VAL A 212 0.50 -12.53 -15.56
N ASP A 213 1.61 -12.99 -16.13
CA ASP A 213 2.32 -12.33 -17.21
C ASP A 213 1.58 -12.28 -18.54
N THR A 214 0.80 -13.33 -18.86
CA THR A 214 0.09 -13.42 -20.13
C THR A 214 -1.41 -13.13 -20.08
N HIS A 215 -1.99 -13.03 -18.89
CA HIS A 215 -3.42 -12.78 -18.73
C HIS A 215 -3.69 -11.57 -17.84
N GLU A 216 -4.89 -10.99 -17.97
CA GLU A 216 -5.32 -9.89 -17.10
C GLU A 216 -6.49 -10.41 -16.25
N LEU A 217 -6.56 -10.02 -14.97
CA LEU A 217 -7.66 -10.48 -14.12
C LEU A 217 -8.96 -9.74 -14.45
N GLN A 218 -10.03 -10.48 -14.77
CA GLN A 218 -11.32 -9.85 -15.08
C GLN A 218 -12.27 -9.91 -13.91
N VAL A 219 -12.42 -11.10 -13.28
CA VAL A 219 -13.34 -11.25 -12.13
C VAL A 219 -12.61 -11.91 -10.98
N ILE A 220 -13.06 -11.59 -9.75
CA ILE A 220 -12.64 -12.17 -8.48
C ILE A 220 -13.84 -12.11 -7.50
N THR A 221 -14.25 -13.27 -7.00
CA THR A 221 -15.32 -13.41 -6.01
C THR A 221 -14.63 -14.01 -4.78
N LEU A 222 -14.81 -13.43 -3.61
CA LEU A 222 -14.17 -13.91 -2.39
C LEU A 222 -15.20 -14.08 -1.27
N ASP A 223 -15.17 -15.23 -0.58
CA ASP A 223 -16.03 -15.57 0.55
C ASP A 223 -15.15 -15.56 1.80
N TYR A 224 -15.53 -14.76 2.79
CA TYR A 224 -14.82 -14.59 4.05
C TYR A 224 -15.47 -15.51 5.12
N ARG A 225 -14.70 -16.48 5.63
CA ARG A 225 -15.22 -17.44 6.60
C ARG A 225 -14.75 -17.18 8.02
N ARG A 226 -13.53 -16.67 8.16
CA ARG A 226 -12.89 -16.44 9.44
C ARG A 226 -11.81 -15.39 9.32
N GLU A 227 -11.57 -14.64 10.39
CA GLU A 227 -10.52 -13.64 10.40
C GLU A 227 -9.12 -14.25 10.63
N CYS A 228 -8.09 -13.70 9.96
CA CYS A 228 -6.71 -14.16 10.16
C CYS A 228 -6.10 -13.22 11.19
N GLN A 229 -5.53 -13.78 12.23
CA GLN A 229 -4.90 -13.02 13.29
C GLN A 229 -3.47 -12.64 12.92
N GLN A 230 -2.95 -11.61 13.57
CA GLN A 230 -1.62 -11.06 13.35
C GLN A 230 -0.50 -12.12 13.56
N ASP A 231 -0.77 -13.16 14.36
CA ASP A 231 0.19 -14.23 14.65
C ASP A 231 -0.09 -15.56 13.90
N ASP A 232 -1.05 -15.55 12.97
CA ASP A 232 -1.42 -16.75 12.22
C ASP A 232 -0.56 -16.85 10.94
N VAL A 233 -0.39 -18.06 10.42
CA VAL A 233 0.38 -18.35 9.20
C VAL A 233 -0.58 -18.97 8.22
N VAL A 234 -0.55 -18.55 6.95
CA VAL A 234 -1.54 -19.00 5.97
C VAL A 234 -0.99 -19.73 4.76
N ASP A 235 -1.73 -20.72 4.24
CA ASP A 235 -1.40 -21.40 2.99
C ASP A 235 -2.43 -20.96 1.91
N SER A 236 -1.95 -20.54 0.74
CA SER A 236 -2.80 -20.14 -0.38
C SER A 236 -2.76 -21.26 -1.44
N LEU A 237 -3.92 -21.82 -1.78
CA LEU A 237 -4.07 -22.96 -2.69
C LEU A 237 -4.91 -22.61 -3.93
N THR A 238 -4.53 -23.12 -5.11
CA THR A 238 -5.20 -22.83 -6.36
C THR A 238 -5.22 -24.04 -7.31
N THR A 239 -6.37 -24.30 -7.94
CA THR A 239 -6.54 -25.34 -8.96
C THR A 239 -7.30 -24.73 -10.14
N THR A 240 -6.86 -25.02 -11.36
CA THR A 240 -7.51 -24.52 -12.56
C THR A 240 -8.81 -25.30 -12.76
N THR A 241 -9.94 -24.62 -12.99
CA THR A 241 -11.20 -25.34 -13.21
C THR A 241 -11.73 -25.24 -14.65
N SER A 242 -11.03 -24.54 -15.55
CA SER A 242 -11.45 -24.43 -16.94
C SER A 242 -10.88 -25.54 -17.85
N ASN A 259 -9.92 -20.14 -24.30
CA ASN A 259 -9.55 -18.73 -24.29
C ASN A 259 -9.44 -18.17 -22.85
N ASP A 260 -10.54 -18.15 -22.09
CA ASP A 260 -10.51 -17.67 -20.69
C ASP A 260 -9.93 -18.76 -19.76
N SER A 261 -9.33 -18.36 -18.63
CA SER A 261 -8.77 -19.26 -17.60
C SER A 261 -9.55 -19.00 -16.28
N GLN A 262 -9.98 -20.04 -15.60
CA GLN A 262 -10.71 -19.90 -14.35
C GLN A 262 -10.02 -20.73 -13.26
N PHE A 263 -10.05 -20.23 -12.03
CA PHE A 263 -9.38 -20.90 -10.91
C PHE A 263 -10.26 -20.98 -9.69
N LEU A 264 -10.00 -21.95 -8.84
CA LEU A 264 -10.69 -22.10 -7.57
C LEU A 264 -9.61 -21.89 -6.52
N HIS A 265 -9.89 -21.07 -5.50
CA HIS A 265 -8.90 -20.76 -4.49
C HIS A 265 -9.31 -21.12 -3.08
N LEU A 266 -8.31 -21.28 -2.20
CA LEU A 266 -8.57 -21.53 -0.78
C LEU A 266 -7.43 -21.04 0.09
N LEU A 267 -7.75 -20.19 1.08
CA LEU A 267 -6.79 -19.77 2.10
C LEU A 267 -7.14 -20.56 3.36
N ARG A 268 -6.17 -21.20 3.96
CA ARG A 268 -6.37 -21.94 5.19
C ARG A 268 -5.18 -21.76 6.10
N LEU A 269 -5.40 -21.86 7.42
CA LEU A 269 -4.29 -21.70 8.37
C LEU A 269 -3.28 -22.82 8.20
N SER A 270 -1.97 -22.50 8.12
CA SER A 270 -0.86 -23.42 7.92
C SER A 270 -0.88 -24.67 8.78
N GLY A 271 -1.24 -24.49 10.04
CA GLY A 271 -1.27 -25.60 10.97
C GLY A 271 -2.42 -26.55 10.80
N ASP A 272 -3.49 -26.32 11.59
CA ASP A 272 -4.72 -27.11 11.66
C ASP A 272 -5.46 -27.23 10.33
N GLY A 273 -5.23 -26.30 9.40
CA GLY A 273 -5.90 -26.33 8.12
C GLY A 273 -7.27 -25.70 8.12
N GLN A 274 -7.60 -24.92 9.17
CA GLN A 274 -8.88 -24.22 9.27
C GLN A 274 -9.08 -23.22 8.12
N GLU A 275 -10.18 -23.34 7.39
CA GLU A 275 -10.48 -22.49 6.25
C GLU A 275 -10.68 -21.06 6.72
N ILE A 276 -10.00 -20.12 6.06
CA ILE A 276 -10.20 -18.73 6.36
C ILE A 276 -10.90 -18.04 5.16
N ASN A 277 -10.59 -18.45 3.90
CA ASN A 277 -11.20 -17.90 2.69
C ASN A 277 -11.35 -18.91 1.56
N ARG A 278 -12.28 -18.65 0.66
CA ARG A 278 -12.47 -19.39 -0.59
C ARG A 278 -12.97 -18.42 -1.69
N GLY A 279 -12.54 -18.64 -2.93
CA GLY A 279 -12.95 -17.79 -4.03
C GLY A 279 -12.71 -18.39 -5.40
N THR A 280 -13.03 -17.62 -6.44
CA THR A 280 -12.78 -17.94 -7.85
C THR A 280 -12.24 -16.71 -8.57
N THR A 281 -11.38 -16.93 -9.56
CA THR A 281 -10.87 -15.86 -10.41
C THR A 281 -11.09 -16.26 -11.87
N LEU A 282 -11.20 -15.25 -12.72
CA LEU A 282 -11.38 -15.40 -14.13
C LEU A 282 -10.37 -14.47 -14.78
N TRP A 283 -9.58 -14.99 -15.73
CA TRP A 283 -8.55 -14.22 -16.40
C TRP A 283 -8.69 -14.37 -17.90
N ARG A 284 -8.62 -13.26 -18.64
CA ARG A 284 -8.68 -13.33 -20.10
C ARG A 284 -7.28 -13.05 -20.71
N LYS A 285 -7.00 -13.62 -21.89
CA LYS A 285 -5.72 -13.45 -22.58
C LYS A 285 -5.52 -11.99 -23.00
N LYS A 286 -4.27 -11.49 -22.96
CA LYS A 286 -4.00 -10.10 -23.35
C LYS A 286 -3.91 -9.98 -24.86
N GLY B 2 0.10 18.31 -8.50
CA GLY B 2 1.35 18.96 -8.15
C GLY B 2 1.95 19.78 -9.28
N SER B 3 2.99 20.56 -8.96
CA SER B 3 3.66 21.36 -9.98
C SER B 3 5.06 21.82 -9.56
N LEU B 4 5.91 22.16 -10.55
CA LEU B 4 7.22 22.73 -10.28
C LEU B 4 7.05 24.15 -9.71
N THR B 5 7.98 24.57 -8.86
CA THR B 5 7.92 25.91 -8.27
C THR B 5 8.14 27.00 -9.34
N GLU B 6 8.08 28.30 -8.96
CA GLU B 6 8.24 29.38 -9.94
C GLU B 6 9.56 29.29 -10.71
N ASP B 7 10.64 28.91 -10.03
CA ASP B 7 11.95 28.84 -10.67
C ASP B 7 12.23 27.55 -11.49
N GLY B 8 11.39 26.52 -11.37
CA GLY B 8 11.60 25.24 -12.05
C GLY B 8 12.70 24.39 -11.43
N LEU B 9 13.12 24.72 -10.19
CA LEU B 9 14.22 24.01 -9.52
C LEU B 9 13.79 23.10 -8.35
N SER B 10 12.49 22.93 -8.16
CA SER B 10 11.88 22.05 -7.15
C SER B 10 10.42 21.76 -7.54
N TYR B 11 9.80 20.74 -6.92
CA TYR B 11 8.42 20.32 -7.22
C TYR B 11 7.61 20.24 -5.93
N LYS B 12 6.33 20.67 -5.97
CA LYS B 12 5.44 20.64 -4.81
C LYS B 12 4.19 19.85 -5.11
N GLU B 13 3.66 19.12 -4.13
CA GLU B 13 2.46 18.32 -4.29
C GLU B 13 1.76 18.14 -2.95
N LYS B 14 0.44 18.25 -2.94
CA LYS B 14 -0.36 18.07 -1.74
C LYS B 14 -1.03 16.70 -1.79
N PHE B 15 -1.09 16.01 -0.64
CA PHE B 15 -1.70 14.68 -0.55
C PHE B 15 -2.71 14.68 0.60
N VAL B 16 -3.88 14.04 0.41
CA VAL B 16 -4.85 13.92 1.51
C VAL B 16 -4.65 12.53 2.10
N VAL B 17 -4.43 12.42 3.41
CA VAL B 17 -4.18 11.11 4.04
C VAL B 17 -5.42 10.18 4.00
N ARG B 18 -5.26 8.95 3.43
CA ARG B 18 -6.31 7.93 3.27
C ARG B 18 -6.51 6.99 4.47
N SER B 19 -7.73 6.45 4.62
CA SER B 19 -8.15 5.56 5.70
C SER B 19 -7.26 4.36 5.84
N TYR B 20 -6.86 3.74 4.71
CA TYR B 20 -5.99 2.56 4.73
C TYR B 20 -4.49 2.89 4.89
N GLU B 21 -4.14 4.17 4.83
CA GLU B 21 -2.76 4.65 4.97
C GLU B 21 -2.33 4.89 6.44
N VAL B 22 -3.27 4.81 7.41
CA VAL B 22 -3.01 5.14 8.82
C VAL B 22 -2.82 3.93 9.73
N GLY B 23 -2.15 4.15 10.86
CA GLY B 23 -1.91 3.10 11.85
C GLY B 23 -2.87 3.13 13.01
N SER B 24 -2.51 2.44 14.10
CA SER B 24 -3.30 2.35 15.33
C SER B 24 -3.56 3.71 15.96
N ASN B 25 -2.67 4.69 15.74
CA ASN B 25 -2.77 6.07 16.24
C ASN B 25 -3.57 7.02 15.34
N LYS B 26 -4.20 6.50 14.26
CA LYS B 26 -5.02 7.27 13.31
C LYS B 26 -4.21 8.34 12.54
N THR B 27 -2.89 8.13 12.41
CA THR B 27 -1.96 8.98 11.67
C THR B 27 -1.20 8.12 10.62
N ALA B 28 -0.74 8.74 9.51
CA ALA B 28 -0.03 8.03 8.44
C ALA B 28 1.19 7.25 8.98
N THR B 29 1.38 6.01 8.49
CA THR B 29 2.53 5.21 8.86
C THR B 29 3.79 5.75 8.14
N VAL B 30 4.97 5.32 8.58
CA VAL B 30 6.23 5.73 7.94
C VAL B 30 6.33 5.17 6.53
N GLU B 31 5.70 4.01 6.27
CA GLU B 31 5.65 3.40 4.96
C GLU B 31 4.79 4.21 4.05
N THR B 32 3.65 4.78 4.55
CA THR B 32 2.81 5.68 3.76
C THR B 32 3.63 6.93 3.41
N ILE B 33 4.34 7.51 4.40
CA ILE B 33 5.19 8.68 4.15
C ILE B 33 6.23 8.40 3.07
N ALA B 34 6.94 7.26 3.18
CA ALA B 34 7.94 6.81 2.22
C ALA B 34 7.38 6.64 0.79
N ASN B 35 6.13 6.13 0.71
CA ASN B 35 5.44 5.99 -0.58
C ASN B 35 5.17 7.37 -1.17
N LEU B 36 4.77 8.32 -0.32
CA LEU B 36 4.51 9.69 -0.75
C LEU B 36 5.77 10.42 -1.23
N LEU B 37 6.93 10.19 -0.60
CA LEU B 37 8.21 10.78 -1.03
C LEU B 37 8.57 10.29 -2.45
N GLN B 38 8.32 9.00 -2.70
CA GLN B 38 8.55 8.34 -3.96
C GLN B 38 7.62 8.89 -5.03
N GLU B 39 6.32 9.06 -4.72
CA GLU B 39 5.34 9.61 -5.65
C GLU B 39 5.70 11.04 -6.04
N VAL B 40 6.03 11.92 -5.06
CA VAL B 40 6.40 13.28 -5.37
C VAL B 40 7.75 13.33 -6.15
N GLY B 41 8.70 12.45 -5.83
CA GLY B 41 9.97 12.41 -6.55
C GLY B 41 9.80 11.98 -8.00
N CYS B 42 8.92 11.03 -8.20
CA CYS B 42 8.60 10.48 -9.50
C CYS B 42 7.84 11.51 -10.37
N ASN B 43 6.89 12.24 -9.78
CA ASN B 43 6.14 13.28 -10.50
C ASN B 43 7.06 14.46 -10.89
N HIS B 44 8.11 14.74 -10.08
CA HIS B 44 9.08 15.78 -10.39
C HIS B 44 9.93 15.33 -11.59
N ALA B 45 10.32 14.04 -11.63
CA ALA B 45 11.09 13.43 -12.71
C ALA B 45 10.35 13.51 -14.04
N GLN B 46 9.02 13.32 -14.03
CA GLN B 46 8.19 13.39 -15.23
C GLN B 46 8.05 14.84 -15.70
N SER B 47 7.86 15.77 -14.76
CA SER B 47 7.69 17.18 -15.11
C SER B 47 8.90 17.82 -15.78
N VAL B 48 10.08 17.20 -15.69
CA VAL B 48 11.28 17.75 -16.32
C VAL B 48 11.81 16.87 -17.49
N GLY B 49 10.99 15.94 -17.97
CA GLY B 49 11.33 15.10 -19.10
C GLY B 49 12.15 13.86 -18.86
N PHE B 50 12.39 13.49 -17.60
CA PHE B 50 13.18 12.30 -17.29
C PHE B 50 12.35 11.03 -17.33
N SER B 51 11.08 11.12 -16.91
CA SER B 51 10.12 10.02 -16.87
C SER B 51 10.63 8.74 -16.12
N ALA B 56 14.73 7.39 -13.33
CA ALA B 56 15.01 8.79 -13.60
C ALA B 56 16.24 8.91 -14.51
N THR B 57 16.19 8.22 -15.65
CA THR B 57 17.29 8.20 -16.58
C THR B 57 17.36 9.38 -17.53
N THR B 58 18.56 9.79 -17.92
CA THR B 58 18.76 10.78 -18.98
C THR B 58 18.86 9.98 -20.30
N THR B 59 18.87 10.67 -21.46
CA THR B 59 19.04 10.03 -22.75
C THR B 59 20.40 9.29 -22.81
N THR B 60 21.45 9.91 -22.25
CA THR B 60 22.79 9.32 -22.25
C THR B 60 22.86 8.10 -21.31
N MET B 61 22.06 8.10 -20.22
CA MET B 61 22.01 6.95 -19.33
C MET B 61 21.29 5.80 -20.03
N ARG B 62 20.25 6.09 -20.81
CA ARG B 62 19.50 5.07 -21.52
C ARG B 62 20.35 4.48 -22.66
N LYS B 63 21.06 5.32 -23.45
CA LYS B 63 21.93 4.80 -24.50
C LYS B 63 23.15 4.04 -23.90
N LEU B 64 23.28 3.95 -22.57
CA LEU B 64 24.39 3.29 -21.90
C LEU B 64 23.97 2.21 -20.89
N HIS B 65 22.67 1.93 -20.74
CA HIS B 65 22.10 0.96 -19.78
C HIS B 65 22.39 1.33 -18.31
N LEU B 66 22.44 2.61 -18.04
CA LEU B 66 22.69 3.13 -16.70
C LEU B 66 21.39 3.51 -16.02
N ILE B 67 21.28 3.21 -14.70
CA ILE B 67 20.14 3.51 -13.84
C ILE B 67 20.56 4.14 -12.51
N TRP B 68 19.65 4.86 -11.85
CA TRP B 68 19.92 5.44 -10.53
C TRP B 68 19.40 4.47 -9.50
N VAL B 69 20.21 4.16 -8.48
CA VAL B 69 19.83 3.25 -7.41
C VAL B 69 20.04 3.92 -6.04
N THR B 70 19.16 3.66 -5.05
CA THR B 70 19.33 4.25 -3.71
C THR B 70 20.51 3.61 -2.96
N ALA B 71 21.32 4.43 -2.29
CA ALA B 71 22.41 3.93 -1.46
C ALA B 71 22.06 4.20 0.03
N ARG B 72 21.43 5.31 0.31
CA ARG B 72 21.05 5.70 1.65
C ARG B 72 19.73 6.46 1.62
N MET B 73 18.88 6.24 2.62
CA MET B 73 17.61 6.94 2.76
C MET B 73 17.51 7.36 4.24
N HIS B 74 17.20 8.62 4.51
CA HIS B 74 17.13 9.14 5.87
C HIS B 74 15.82 9.93 6.02
N ILE B 75 14.94 9.54 6.94
CA ILE B 75 13.68 10.25 7.15
C ILE B 75 13.56 10.67 8.62
N GLU B 76 13.13 11.92 8.86
N GLU B 76 13.11 11.92 8.86
N GLU B 76 13.13 11.92 8.86
CA GLU B 76 12.90 12.43 10.21
CA GLU B 76 12.89 12.45 10.19
CA GLU B 76 12.90 12.43 10.21
C GLU B 76 11.52 13.06 10.28
C GLU B 76 11.50 13.06 10.29
C GLU B 76 11.51 13.07 10.29
N ILE B 77 10.60 12.43 11.03
CA ILE B 77 9.23 12.93 11.16
C ILE B 77 8.92 13.54 12.54
N TYR B 78 8.55 14.82 12.60
CA TYR B 78 8.19 15.50 13.85
C TYR B 78 6.72 15.27 14.20
N LYS B 79 5.86 15.27 13.19
CA LYS B 79 4.43 15.10 13.39
C LYS B 79 3.89 14.29 12.21
N TYR B 80 3.22 13.17 12.47
CA TYR B 80 2.63 12.36 11.42
C TYR B 80 1.27 12.93 11.06
N PRO B 81 0.94 13.17 9.79
CA PRO B 81 -0.38 13.77 9.47
C PRO B 81 -1.53 12.82 9.84
N ALA B 82 -2.64 13.37 10.33
CA ALA B 82 -3.78 12.54 10.69
C ALA B 82 -4.60 12.17 9.45
N TRP B 83 -5.35 11.06 9.54
CA TRP B 83 -6.25 10.58 8.50
C TRP B 83 -7.24 11.65 8.10
N GLY B 84 -7.04 12.21 6.92
CA GLY B 84 -7.88 13.27 6.40
C GLY B 84 -7.17 14.59 6.19
N ASP B 85 -6.01 14.77 6.83
CA ASP B 85 -5.24 16.01 6.70
C ASP B 85 -4.57 16.12 5.34
N VAL B 86 -4.19 17.35 4.98
CA VAL B 86 -3.46 17.57 3.74
C VAL B 86 -1.98 17.78 4.09
N VAL B 87 -1.10 16.96 3.53
CA VAL B 87 0.34 17.12 3.74
C VAL B 87 0.93 17.69 2.44
N GLU B 88 1.70 18.79 2.50
CA GLU B 88 2.34 19.32 1.31
C GLU B 88 3.82 18.91 1.30
N ILE B 89 4.31 18.33 0.21
CA ILE B 89 5.71 17.93 0.10
C ILE B 89 6.48 18.66 -1.00
N GLU B 90 7.62 19.27 -0.64
CA GLU B 90 8.48 19.91 -1.64
C GLU B 90 9.73 19.04 -1.82
N THR B 91 10.09 18.73 -3.08
CA THR B 91 11.26 17.93 -3.37
C THR B 91 12.17 18.55 -4.44
N TRP B 92 13.47 18.20 -4.42
CA TRP B 92 14.45 18.68 -5.36
C TRP B 92 15.69 17.76 -5.40
N CYS B 93 16.42 17.79 -6.53
N CYS B 93 16.42 17.78 -6.53
N CYS B 93 16.42 17.79 -6.53
CA CYS B 93 17.65 17.00 -6.70
CA CYS B 93 17.65 16.99 -6.68
CA CYS B 93 17.65 17.00 -6.70
C CYS B 93 18.89 17.88 -6.70
C CYS B 93 18.88 17.89 -6.68
C CYS B 93 18.89 17.88 -6.70
N GLN B 94 20.04 17.31 -6.37
CA GLN B 94 21.31 18.03 -6.39
C GLN B 94 22.42 17.07 -6.81
N SER B 95 23.38 17.57 -7.60
CA SER B 95 24.52 16.76 -8.03
C SER B 95 25.58 16.78 -6.94
N GLU B 96 26.25 15.65 -6.73
CA GLU B 96 27.31 15.57 -5.72
C GLU B 96 28.62 15.22 -6.40
N GLY B 97 28.93 15.95 -7.47
CA GLY B 97 30.13 15.71 -8.25
C GLY B 97 30.04 14.37 -8.95
N ARG B 98 31.14 13.62 -8.94
CA ARG B 98 31.19 12.29 -9.56
C ARG B 98 30.60 11.18 -8.66
N ILE B 99 30.29 11.48 -7.38
CA ILE B 99 29.76 10.50 -6.44
C ILE B 99 28.35 10.00 -6.82
N GLY B 100 27.44 10.92 -7.07
CA GLY B 100 26.07 10.60 -7.46
C GLY B 100 25.13 11.78 -7.29
N THR B 101 23.83 11.50 -7.21
CA THR B 101 22.84 12.53 -6.97
C THR B 101 22.29 12.42 -5.54
N ARG B 102 21.65 13.49 -5.08
CA ARG B 102 20.99 13.55 -3.79
C ARG B 102 19.56 14.02 -4.07
N ARG B 103 18.58 13.42 -3.40
CA ARG B 103 17.21 13.92 -3.51
C ARG B 103 16.73 14.26 -2.11
N ASP B 104 16.20 15.47 -1.92
CA ASP B 104 15.71 15.93 -0.62
C ASP B 104 14.23 16.24 -0.64
N TRP B 105 13.58 16.12 0.52
CA TRP B 105 12.16 16.42 0.68
C TRP B 105 11.89 17.20 1.95
N ILE B 106 10.85 18.06 1.92
CA ILE B 106 10.36 18.83 3.08
C ILE B 106 8.85 18.57 3.16
N LEU B 107 8.35 18.14 4.32
CA LEU B 107 6.92 17.88 4.49
C LEU B 107 6.34 18.97 5.36
N LYS B 108 5.22 19.56 4.94
CA LYS B 108 4.57 20.62 5.71
C LYS B 108 3.10 20.34 5.94
N ASP B 109 2.54 20.86 7.03
CA ASP B 109 1.10 20.76 7.29
C ASP B 109 0.51 21.84 6.37
N SER B 110 -0.45 21.48 5.51
CA SER B 110 -1.00 22.42 4.55
C SER B 110 -1.78 23.57 5.17
N VAL B 111 -2.31 23.38 6.40
CA VAL B 111 -3.09 24.43 7.04
C VAL B 111 -2.23 25.42 7.84
N THR B 112 -1.25 24.94 8.60
CA THR B 112 -0.39 25.79 9.40
C THR B 112 0.91 26.24 8.67
N GLY B 113 1.37 25.45 7.70
CA GLY B 113 2.61 25.72 7.00
C GLY B 113 3.86 25.30 7.78
N GLU B 114 3.68 24.67 8.94
CA GLU B 114 4.77 24.20 9.78
C GLU B 114 5.41 22.97 9.12
N VAL B 115 6.73 22.82 9.26
CA VAL B 115 7.43 21.68 8.73
C VAL B 115 7.18 20.51 9.65
N THR B 116 6.59 19.43 9.17
CA THR B 116 6.28 18.26 10.00
C THR B 116 7.23 17.06 9.77
N GLY B 117 8.09 17.16 8.76
CA GLY B 117 9.04 16.11 8.44
C GLY B 117 10.03 16.53 7.39
N ARG B 118 11.09 15.73 7.20
N ARG B 118 11.09 15.73 7.20
N ARG B 118 11.08 15.73 7.19
CA ARG B 118 12.12 15.99 6.20
CA ARG B 118 12.12 15.99 6.20
CA ARG B 118 12.11 15.98 6.20
C ARG B 118 12.88 14.71 5.89
C ARG B 118 12.88 14.71 5.89
C ARG B 118 12.87 14.71 5.89
N ALA B 119 13.25 14.53 4.62
CA ALA B 119 13.97 13.36 4.20
C ALA B 119 15.13 13.71 3.28
N THR B 120 16.11 12.82 3.21
CA THR B 120 17.26 12.97 2.33
C THR B 120 17.63 11.60 1.81
N SER B 121 18.00 11.49 0.53
CA SER B 121 18.39 10.22 -0.05
C SER B 121 19.60 10.40 -0.97
N LYS B 122 20.56 9.47 -0.91
CA LYS B 122 21.73 9.47 -1.77
C LYS B 122 21.57 8.40 -2.84
N TRP B 123 21.80 8.75 -4.12
CA TRP B 123 21.62 7.85 -5.24
C TRP B 123 22.94 7.64 -6.01
N VAL B 124 23.16 6.43 -6.52
CA VAL B 124 24.40 6.11 -7.25
C VAL B 124 24.14 5.55 -8.67
N MET B 125 25.13 5.63 -9.58
CA MET B 125 24.98 5.11 -10.94
C MET B 125 25.36 3.64 -11.01
N MET B 126 24.48 2.84 -11.58
CA MET B 126 24.72 1.41 -11.71
C MET B 126 24.37 0.97 -13.12
N ASN B 127 25.10 -0.04 -13.64
CA ASN B 127 24.75 -0.60 -14.94
C ASN B 127 23.56 -1.51 -14.61
N GLN B 128 22.48 -1.38 -15.35
CA GLN B 128 21.27 -2.19 -15.12
C GLN B 128 21.59 -3.71 -15.25
N ASP B 129 22.57 -4.06 -16.09
CA ASP B 129 22.94 -5.45 -16.36
C ASP B 129 24.02 -6.04 -15.44
N THR B 130 25.24 -5.46 -15.43
CA THR B 130 26.32 -6.00 -14.60
C THR B 130 26.22 -5.67 -13.14
N ARG B 131 25.38 -4.67 -12.78
CA ARG B 131 25.20 -4.10 -11.45
C ARG B 131 26.46 -3.40 -10.92
N ARG B 132 27.47 -3.18 -11.79
CA ARG B 132 28.69 -2.49 -11.41
C ARG B 132 28.43 -1.01 -11.32
N LEU B 133 28.81 -0.42 -10.19
CA LEU B 133 28.58 0.99 -9.97
C LEU B 133 29.63 1.84 -10.69
N GLN B 134 29.16 2.91 -11.33
CA GLN B 134 30.05 3.81 -12.05
C GLN B 134 29.97 5.20 -11.45
N LYS B 135 31.07 5.95 -11.57
CA LYS B 135 31.07 7.34 -11.12
C LYS B 135 30.37 8.18 -12.20
N VAL B 136 29.64 9.23 -11.79
CA VAL B 136 28.91 10.05 -12.75
C VAL B 136 29.87 10.74 -13.73
N SER B 137 29.63 10.56 -15.03
CA SER B 137 30.49 11.19 -16.04
C SER B 137 30.04 12.64 -16.32
N ASP B 138 30.91 13.45 -16.94
CA ASP B 138 30.63 14.86 -17.28
C ASP B 138 29.31 15.07 -18.02
N ASP B 139 28.99 14.24 -19.02
CA ASP B 139 27.80 14.36 -19.85
C ASP B 139 26.52 14.21 -19.05
N VAL B 140 26.50 13.27 -18.09
CA VAL B 140 25.33 13.02 -17.27
C VAL B 140 25.07 14.20 -16.33
N ARG B 141 26.14 14.75 -15.74
CA ARG B 141 26.06 15.90 -14.86
C ARG B 141 25.46 17.09 -15.56
N ASP B 142 25.79 17.30 -16.85
CA ASP B 142 25.27 18.42 -17.63
C ASP B 142 23.79 18.30 -17.88
N GLU B 143 23.31 17.08 -18.20
CA GLU B 143 21.89 16.82 -18.43
C GLU B 143 21.06 17.01 -17.15
N TYR B 144 21.66 16.76 -15.97
CA TYR B 144 20.99 16.86 -14.68
C TYR B 144 20.98 18.25 -14.06
N LEU B 145 22.16 18.91 -14.00
CA LEU B 145 22.37 20.21 -13.37
C LEU B 145 21.41 21.30 -13.78
N VAL B 146 20.86 21.24 -14.98
CA VAL B 146 19.92 22.25 -15.44
C VAL B 146 18.58 22.20 -14.65
N PHE B 147 18.26 21.06 -14.02
CA PHE B 147 17.04 20.93 -13.23
C PHE B 147 17.30 21.00 -11.70
N CYS B 148 18.51 21.40 -11.29
CA CYS B 148 18.94 21.46 -9.91
C CYS B 148 19.28 22.87 -9.48
N PRO B 149 19.14 23.21 -8.19
CA PRO B 149 19.60 24.54 -7.74
C PRO B 149 21.12 24.60 -7.87
N GLN B 150 21.64 25.78 -8.20
CA GLN B 150 23.07 25.96 -8.38
C GLN B 150 23.75 26.08 -7.02
N GLU B 151 23.19 26.90 -6.11
CA GLU B 151 23.73 26.99 -4.75
C GLU B 151 23.22 25.77 -3.95
N PRO B 152 23.94 25.32 -2.89
CA PRO B 152 23.46 24.14 -2.14
C PRO B 152 22.16 24.39 -1.38
N ARG B 153 21.26 23.41 -1.41
CA ARG B 153 19.95 23.47 -0.78
C ARG B 153 19.71 22.14 -0.09
N LEU B 154 19.96 22.09 1.22
CA LEU B 154 19.85 20.86 2.00
C LEU B 154 18.70 20.80 2.94
N ALA B 155 17.96 19.67 2.93
CA ALA B 155 16.91 19.48 3.93
C ALA B 155 17.54 19.33 5.32
N PHE B 156 18.76 18.76 5.39
CA PHE B 156 19.53 18.59 6.62
C PHE B 156 20.83 19.39 6.53
N PRO B 157 20.80 20.70 6.84
CA PRO B 157 22.03 21.47 6.72
C PRO B 157 22.96 21.48 7.95
N GLU B 158 22.41 21.32 9.17
CA GLU B 158 23.16 21.36 10.45
C GLU B 158 24.58 20.76 10.40
N GLU B 159 25.53 21.36 11.15
CA GLU B 159 26.92 20.88 11.17
C GLU B 159 26.98 19.61 12.00
N ASN B 160 27.41 18.49 11.37
CA ASN B 160 27.45 17.17 11.99
C ASN B 160 26.03 16.67 12.33
N ASN B 161 25.27 16.28 11.30
CA ASN B 161 23.88 15.79 11.44
C ASN B 161 23.76 14.25 11.33
N ARG B 162 22.64 13.68 11.84
CA ARG B 162 22.40 12.23 11.86
C ARG B 162 22.22 11.59 10.47
N SER B 163 21.99 12.41 9.43
CA SER B 163 21.80 11.89 8.06
C SER B 163 23.10 11.41 7.40
N LEU B 164 24.27 11.79 7.96
CA LEU B 164 25.59 11.43 7.44
C LEU B 164 26.41 10.58 8.45
N LYS B 165 25.74 9.93 9.42
CA LYS B 165 26.42 9.12 10.41
C LYS B 165 26.74 7.74 9.84
N LYS B 166 27.88 7.17 10.24
CA LYS B 166 28.28 5.83 9.80
C LYS B 166 27.45 4.80 10.58
N ILE B 167 26.92 3.76 9.89
CA ILE B 167 26.13 2.72 10.58
C ILE B 167 26.93 1.42 10.72
N PRO B 168 27.09 0.91 11.96
CA PRO B 168 27.84 -0.34 12.13
C PRO B 168 27.02 -1.59 11.84
N LYS B 169 27.73 -2.74 11.73
CA LYS B 169 27.05 -4.01 11.48
C LYS B 169 26.65 -4.65 12.80
N LEU B 170 25.41 -5.11 12.88
CA LEU B 170 24.83 -5.77 14.04
C LEU B 170 25.57 -7.10 14.25
N GLU B 171 26.02 -7.32 15.47
CA GLU B 171 26.74 -8.54 15.80
C GLU B 171 25.79 -9.58 16.35
N ASP B 172 25.98 -10.85 15.99
CA ASP B 172 25.17 -11.95 16.52
C ASP B 172 25.59 -12.25 17.96
N PRO B 173 24.63 -12.58 18.86
CA PRO B 173 23.19 -12.68 18.62
C PRO B 173 22.43 -11.34 18.71
N ALA B 174 21.41 -11.18 17.87
CA ALA B 174 20.53 -10.01 17.87
C ALA B 174 19.61 -10.09 19.09
N GLN B 175 19.14 -8.94 19.59
CA GLN B 175 18.25 -8.95 20.76
C GLN B 175 16.85 -9.43 20.32
N TYR B 176 16.40 -8.95 19.17
CA TYR B 176 15.10 -9.28 18.60
C TYR B 176 15.26 -9.68 17.11
N SER B 177 14.34 -10.49 16.60
CA SER B 177 14.36 -10.90 15.21
C SER B 177 12.99 -11.26 14.67
N MET B 178 12.82 -11.11 13.37
CA MET B 178 11.65 -11.56 12.64
C MET B 178 12.21 -12.37 11.46
N ILE B 179 12.02 -13.71 11.45
CA ILE B 179 12.64 -14.55 10.44
C ILE B 179 11.63 -15.01 9.33
N GLY B 180 12.16 -15.41 8.19
CA GLY B 180 11.38 -15.91 7.06
C GLY B 180 10.51 -14.95 6.27
N LEU B 181 10.85 -13.65 6.22
CA LEU B 181 10.05 -12.66 5.46
C LEU B 181 10.27 -12.80 3.96
N LYS B 182 9.19 -12.98 3.19
CA LYS B 182 9.28 -13.12 1.75
C LYS B 182 8.46 -12.03 1.09
N PRO B 183 8.97 -11.42 0.02
CA PRO B 183 8.18 -10.41 -0.69
C PRO B 183 7.05 -11.01 -1.54
N ARG B 184 5.86 -10.42 -1.47
CA ARG B 184 4.75 -10.87 -2.28
C ARG B 184 4.63 -9.96 -3.53
N ARG B 185 3.66 -10.20 -4.43
CA ARG B 185 3.56 -9.41 -5.65
C ARG B 185 3.31 -7.94 -5.42
N ALA B 186 2.59 -7.57 -4.32
CA ALA B 186 2.35 -6.16 -3.99
C ALA B 186 3.63 -5.44 -3.45
N ASP B 187 4.69 -6.19 -3.13
CA ASP B 187 5.96 -5.60 -2.73
C ASP B 187 6.86 -5.27 -3.95
N LEU B 188 6.46 -5.67 -5.18
CA LEU B 188 7.21 -5.42 -6.39
C LEU B 188 6.73 -4.14 -7.07
N ASP B 189 7.65 -3.43 -7.73
CA ASP B 189 7.28 -2.23 -8.48
C ASP B 189 6.85 -2.61 -9.92
N MET B 190 6.66 -1.63 -10.80
CA MET B 190 6.28 -1.86 -12.19
C MET B 190 7.38 -2.59 -13.00
N ASN B 191 8.62 -2.67 -12.47
CA ASN B 191 9.74 -3.37 -13.13
C ASN B 191 10.09 -4.72 -12.48
N GLN B 192 9.21 -5.22 -11.58
CA GLN B 192 9.25 -6.47 -10.84
C GLN B 192 10.37 -6.52 -9.77
N HIS B 193 10.91 -5.35 -9.38
CA HIS B 193 11.92 -5.25 -8.36
C HIS B 193 11.26 -4.97 -7.00
N VAL B 194 11.81 -5.48 -5.90
CA VAL B 194 11.24 -5.22 -4.57
C VAL B 194 11.36 -3.70 -4.27
N ASN B 195 10.25 -3.06 -3.86
CA ASN B 195 10.28 -1.62 -3.64
C ASN B 195 10.98 -1.25 -2.35
N ASN B 196 11.60 -0.07 -2.34
CA ASN B 196 12.37 0.42 -1.20
C ASN B 196 11.58 0.50 0.09
N VAL B 197 10.24 0.72 0.00
CA VAL B 197 9.35 0.86 1.16
C VAL B 197 9.20 -0.45 1.94
N THR B 198 9.26 -1.61 1.23
CA THR B 198 9.18 -2.96 1.80
C THR B 198 10.33 -3.17 2.79
N TYR B 199 11.54 -2.68 2.44
CA TYR B 199 12.69 -2.82 3.32
C TYR B 199 12.47 -2.08 4.65
N ILE B 200 11.83 -0.91 4.59
CA ILE B 200 11.49 -0.12 5.78
C ILE B 200 10.54 -0.94 6.67
N GLY B 201 9.53 -1.54 6.05
CA GLY B 201 8.57 -2.35 6.80
C GLY B 201 9.21 -3.57 7.39
N TRP B 202 10.13 -4.19 6.62
CA TRP B 202 10.86 -5.38 7.04
C TRP B 202 11.80 -5.07 8.20
N VAL B 203 12.48 -3.91 8.18
CA VAL B 203 13.33 -3.47 9.28
C VAL B 203 12.49 -3.33 10.56
N LEU B 204 11.32 -2.68 10.43
CA LEU B 204 10.43 -2.45 11.58
C LEU B 204 9.72 -3.69 12.12
N GLU B 205 9.73 -4.82 11.41
CA GLU B 205 9.09 -6.04 11.86
C GLU B 205 9.75 -6.66 13.10
N SER B 206 11.05 -6.39 13.32
CA SER B 206 11.76 -6.98 14.46
C SER B 206 11.72 -6.11 15.71
N ILE B 207 11.19 -4.87 15.62
CA ILE B 207 10.98 -3.97 16.77
C ILE B 207 9.83 -4.57 17.57
N PRO B 208 9.97 -4.74 18.91
CA PRO B 208 8.87 -5.32 19.69
C PRO B 208 7.58 -4.50 19.64
N GLN B 209 6.44 -5.20 19.66
CA GLN B 209 5.14 -4.55 19.58
C GLN B 209 4.91 -3.57 20.73
N GLU B 210 5.49 -3.82 21.91
CA GLU B 210 5.34 -2.91 23.04
C GLU B 210 6.07 -1.58 22.82
N ILE B 211 7.21 -1.61 22.11
CA ILE B 211 7.94 -0.39 21.75
C ILE B 211 7.06 0.42 20.79
N VAL B 212 6.50 -0.25 19.77
CA VAL B 212 5.65 0.37 18.75
C VAL B 212 4.39 1.01 19.36
N ASP B 213 3.78 0.31 20.33
CA ASP B 213 2.58 0.76 21.02
C ASP B 213 2.78 1.98 21.92
N THR B 214 3.96 2.10 22.56
CA THR B 214 4.24 3.19 23.50
C THR B 214 5.13 4.32 22.97
N HIS B 215 5.75 4.12 21.80
CA HIS B 215 6.66 5.11 21.22
C HIS B 215 6.24 5.49 19.79
N GLU B 216 6.69 6.65 19.33
CA GLU B 216 6.46 7.07 17.94
C GLU B 216 7.83 7.12 17.25
N LEU B 217 7.93 6.69 15.98
CA LEU B 217 9.21 6.73 15.26
C LEU B 217 9.57 8.16 14.87
N GLN B 218 10.74 8.62 15.29
CA GLN B 218 11.20 9.96 14.99
C GLN B 218 12.20 9.97 13.82
N VAL B 219 13.22 9.11 13.85
CA VAL B 219 14.23 9.04 12.78
C VAL B 219 14.40 7.60 12.33
N ILE B 220 14.79 7.43 11.05
CA ILE B 220 15.15 6.18 10.41
C ILE B 220 16.20 6.48 9.31
N THR B 221 17.37 5.89 9.42
CA THR B 221 18.45 5.98 8.43
C THR B 221 18.63 4.55 7.90
N LEU B 222 18.64 4.37 6.60
CA LEU B 222 18.78 3.04 5.99
C LEU B 222 19.87 3.03 4.93
N ASP B 223 20.76 2.05 4.97
CA ASP B 223 21.85 1.83 4.01
C ASP B 223 21.50 0.61 3.18
N TYR B 224 21.46 0.78 1.86
CA TYR B 224 21.11 -0.26 0.89
C TYR B 224 22.41 -0.88 0.34
N ARG B 225 22.62 -2.19 0.60
CA ARG B 225 23.85 -2.86 0.19
C ARG B 225 23.66 -3.78 -1.01
N ARG B 226 22.47 -4.39 -1.11
CA ARG B 226 22.16 -5.37 -2.15
C ARG B 226 20.66 -5.46 -2.35
N GLU B 227 20.21 -5.79 -3.56
N GLU B 227 20.21 -5.77 -3.57
N GLU B 227 20.21 -5.78 -3.57
CA GLU B 227 18.79 -5.93 -3.84
CA GLU B 227 18.79 -5.92 -3.83
CA GLU B 227 18.79 -5.93 -3.84
C GLU B 227 18.26 -7.30 -3.43
C GLU B 227 18.26 -7.29 -3.45
C GLU B 227 18.26 -7.30 -3.43
N CYS B 228 17.03 -7.33 -2.92
CA CYS B 228 16.39 -8.58 -2.53
C CYS B 228 15.56 -9.01 -3.73
N GLN B 229 15.76 -10.24 -4.18
CA GLN B 229 15.03 -10.78 -5.30
C GLN B 229 13.68 -11.33 -4.86
N GLN B 230 12.77 -11.45 -5.83
CA GLN B 230 11.40 -11.93 -5.65
C GLN B 230 11.36 -13.36 -5.02
N ASP B 231 12.42 -14.15 -5.18
CA ASP B 231 12.52 -15.51 -4.66
C ASP B 231 13.42 -15.65 -3.41
N ASP B 232 13.89 -14.54 -2.86
CA ASP B 232 14.77 -14.54 -1.69
C ASP B 232 13.93 -14.49 -0.39
N VAL B 233 14.49 -15.00 0.69
CA VAL B 233 13.85 -15.01 2.02
C VAL B 233 14.73 -14.20 2.95
N VAL B 234 14.15 -13.33 3.77
CA VAL B 234 14.94 -12.41 4.60
C VAL B 234 14.74 -12.54 6.10
N ASP B 235 15.82 -12.32 6.88
CA ASP B 235 15.75 -12.23 8.33
C ASP B 235 15.95 -10.75 8.76
N SER B 236 15.08 -10.22 9.62
CA SER B 236 15.18 -8.86 10.12
C SER B 236 15.66 -8.93 11.60
N LEU B 237 16.78 -8.29 11.91
CA LEU B 237 17.42 -8.34 13.22
C LEU B 237 17.52 -6.95 13.86
N THR B 238 17.32 -6.86 15.20
CA THR B 238 17.34 -5.60 15.92
C THR B 238 17.94 -5.75 17.32
N THR B 239 18.80 -4.81 17.72
CA THR B 239 19.38 -4.73 19.06
C THR B 239 19.26 -3.27 19.54
N THR B 240 18.88 -3.08 20.80
CA THR B 240 18.74 -1.74 21.37
C THR B 240 20.14 -1.20 21.65
N THR B 241 20.43 0.03 21.23
CA THR B 241 21.76 0.60 21.50
C THR B 241 21.75 1.75 22.52
N SER B 242 20.57 2.13 23.05
CA SER B 242 20.49 3.19 24.03
C SER B 242 20.61 2.67 25.50
N ASP B 260 14.53 8.70 25.15
CA ASP B 260 14.51 8.21 23.77
C ASP B 260 15.04 6.75 23.70
N SER B 261 14.60 5.98 22.70
CA SER B 261 15.02 4.59 22.46
C SER B 261 15.69 4.54 21.08
N GLN B 262 16.85 3.90 20.97
CA GLN B 262 17.57 3.81 19.71
C GLN B 262 17.85 2.33 19.41
N PHE B 263 17.83 1.97 18.12
CA PHE B 263 18.03 0.58 17.71
C PHE B 263 19.01 0.49 16.55
N LEU B 264 19.64 -0.66 16.42
CA LEU B 264 20.53 -0.98 15.30
C LEU B 264 19.85 -2.11 14.56
N HIS B 265 19.75 -2.02 13.24
CA HIS B 265 19.04 -3.04 12.46
C HIS B 265 19.90 -3.70 11.40
N LEU B 266 19.49 -4.91 10.98
CA LEU B 266 20.18 -5.61 9.91
C LEU B 266 19.22 -6.56 9.19
N LEU B 267 19.13 -6.42 7.87
CA LEU B 267 18.36 -7.32 7.00
C LEU B 267 19.39 -8.17 6.30
N ARG B 268 19.25 -9.49 6.37
CA ARG B 268 20.16 -10.39 5.70
C ARG B 268 19.40 -11.57 5.12
N LEU B 269 19.91 -12.17 4.05
CA LEU B 269 19.23 -13.31 3.43
C LEU B 269 19.21 -14.50 4.38
N SER B 270 18.03 -15.13 4.58
CA SER B 270 17.79 -16.27 5.47
C SER B 270 18.81 -17.36 5.41
N GLY B 271 19.24 -17.69 4.20
CA GLY B 271 20.20 -18.77 4.01
C GLY B 271 21.62 -18.42 4.38
N ASP B 272 22.41 -18.03 3.36
CA ASP B 272 23.83 -17.67 3.43
C ASP B 272 24.15 -16.52 4.43
N GLY B 273 23.16 -15.71 4.76
CA GLY B 273 23.37 -14.61 5.69
C GLY B 273 23.93 -13.36 5.06
N GLN B 274 23.90 -13.27 3.71
CA GLN B 274 24.37 -12.10 2.97
C GLN B 274 23.60 -10.85 3.36
N GLU B 275 24.32 -9.81 3.78
CA GLU B 275 23.72 -8.55 4.19
C GLU B 275 23.02 -7.88 3.02
N ILE B 276 21.76 -7.48 3.22
CA ILE B 276 21.05 -6.75 2.19
C ILE B 276 20.84 -5.29 2.66
N ASN B 277 20.60 -5.06 3.98
CA ASN B 277 20.42 -3.73 4.55
C ASN B 277 20.93 -3.59 5.96
N ARG B 278 21.22 -2.35 6.39
CA ARG B 278 21.58 -1.97 7.75
C ARG B 278 21.06 -0.55 8.04
N GLY B 279 20.61 -0.31 9.27
CA GLY B 279 20.10 1.01 9.64
C GLY B 279 20.03 1.24 11.12
N THR B 280 19.49 2.41 11.51
CA THR B 280 19.23 2.81 12.89
C THR B 280 17.86 3.50 12.95
N THR B 281 17.17 3.35 14.07
CA THR B 281 15.90 4.02 14.33
C THR B 281 16.00 4.72 15.67
N LEU B 282 15.21 5.78 15.82
CA LEU B 282 15.12 6.57 17.04
C LEU B 282 13.64 6.74 17.30
N TRP B 283 13.19 6.44 18.52
CA TRP B 283 11.79 6.53 18.90
C TRP B 283 11.66 7.34 20.17
N ARG B 284 10.66 8.26 20.20
CA ARG B 284 10.35 9.10 21.37
C ARG B 284 9.12 8.54 22.11
N LYS B 285 9.06 8.70 23.44
CA LYS B 285 7.87 8.30 24.21
C LYS B 285 6.67 9.17 23.82
N LYS B 286 5.45 8.60 23.83
CA LYS B 286 4.26 9.37 23.43
C LYS B 286 3.80 10.32 24.53
C4 UV1 C . -13.52 -1.32 5.32
C5 UV1 C . -14.48 -0.48 4.80
C6 UV1 C . -16.20 1.12 5.59
C7 UV1 C . -17.27 0.22 5.02
C8 UV1 C . -17.33 0.24 3.50
C10 UV1 C . -14.93 -0.65 3.48
N UV1 C . -14.95 0.63 5.56
C UV1 C . -14.72 -3.12 0.80
O UV1 C . -14.96 -1.90 1.49
C1 UV1 C . -14.44 -1.74 2.74
C2 UV1 C . -13.51 -2.61 3.30
C3 UV1 C . -13.07 -2.39 4.59
C9 UV1 C . -15.94 0.29 2.86
O1 UV1 C . -16.45 2.21 6.06
S SO4 D . -21.76 -1.10 4.78
O1 SO4 D . -22.17 -2.32 4.09
O2 SO4 D . -22.84 -0.09 4.74
O3 SO4 D . -21.48 -1.49 6.19
O4 SO4 D . -20.53 -0.49 4.22
C4 UV1 E . 11.66 5.52 -6.93
C5 UV1 E . 11.64 6.90 -7.10
C6 UV1 E . 12.03 8.47 -8.98
C7 UV1 E . 13.21 9.03 -8.22
C8 UV1 E . 12.81 9.87 -7.00
C10 UV1 E . 11.77 7.75 -6.00
N UV1 E . 11.37 7.44 -8.38
C UV1 E . 12.63 7.56 -2.43
O UV1 E . 12.20 8.07 -3.70
C1 UV1 E . 12.03 7.18 -4.73
C2 UV1 E . 12.10 5.81 -4.59
C3 UV1 E . 11.92 4.99 -5.68
C9 UV1 E . 11.68 9.25 -6.17
O1 UV1 E . 11.70 8.89 -10.07
S SO4 F . 17.24 10.95 -8.26
O1 SO4 F . 17.35 9.56 -8.69
O2 SO4 F . 17.54 11.85 -9.39
O3 SO4 F . 15.82 11.17 -7.87
O4 SO4 F . 18.16 11.30 -7.16
#